data_7Z1V
#
_entry.id   7Z1V
#
_cell.length_a   45.140
_cell.length_b   68.380
_cell.length_c   159.160
_cell.angle_alpha   90.000
_cell.angle_beta   90.000
_cell.angle_gamma   90.000
#
_symmetry.space_group_name_H-M   'P 21 21 21'
#
loop_
_entity.id
_entity.type
_entity.pdbx_description
1 polymer 'Protein mono-ADP-ribosyltransferase PARP15'
2 non-polymer 6-methoxy-[1,2,4]triazolo[3,4-b][1,3]benzothiazole
3 non-polymer 'DIMETHYL SULFOXIDE'
4 water water
#
_entity_poly.entity_id   1
_entity_poly.type   'polypeptide(L)'
_entity_poly.pdbx_seq_one_letter_code
;MHHHHHHSSGVDLGTENLYFQSMNLPEHWTDMNHQLFCMVQLEPGQSEYNTIKDKFTRTCSSYAIEKIERIQNAFLWQSY
QVKKRQMDIKNDHKNNERLLFHGTDADSVPYVNQHGFNRSCAGKNAVSYGKGTYFAVDASYSAKDTYSKPDSNGRKHMYV
VRVLTGVFTKGRAGLVTPPPKNPHNPTDLFDSVTNNTRSPKLFVVFFDNQAYPEYLITFTA
;
_entity_poly.pdbx_strand_id   A,B
#
# COMPACT_ATOMS: atom_id res chain seq x y z
N ASN A 24 7.56 -1.45 18.83
CA ASN A 24 8.63 -0.43 19.11
C ASN A 24 8.05 0.98 19.00
N LEU A 25 7.13 1.33 19.90
CA LEU A 25 6.42 2.63 19.86
C LEU A 25 7.33 3.71 20.44
N PRO A 26 7.35 4.91 19.81
CA PRO A 26 8.28 5.98 20.18
C PRO A 26 8.18 6.45 21.63
N GLU A 27 9.31 6.88 22.20
CA GLU A 27 9.45 7.23 23.64
C GLU A 27 8.46 8.37 23.98
N HIS A 28 8.21 9.30 23.06
CA HIS A 28 7.44 10.53 23.31
C HIS A 28 5.94 10.25 23.27
N TRP A 29 5.54 9.09 22.76
CA TRP A 29 4.12 8.68 22.83
C TRP A 29 3.73 8.52 24.29
N THR A 30 2.46 8.70 24.58
CA THR A 30 1.93 8.47 25.94
C THR A 30 1.16 7.16 25.94
N ASP A 31 1.06 6.55 27.12
CA ASP A 31 0.51 5.19 27.33
C ASP A 31 -0.89 5.14 26.73
N MET A 32 -1.25 4.02 26.08
CA MET A 32 -2.57 3.89 25.44
C MET A 32 -3.41 2.79 26.06
N ASN A 33 -3.07 2.36 27.28
CA ASN A 33 -3.88 1.38 28.06
C ASN A 33 -4.14 0.17 27.15
N HIS A 34 -3.09 -0.33 26.51
CA HIS A 34 -3.09 -1.59 25.71
C HIS A 34 -3.93 -1.41 24.44
N GLN A 35 -4.26 -0.18 24.05
CA GLN A 35 -4.92 0.08 22.73
C GLN A 35 -3.89 0.48 21.69
N LEU A 36 -4.32 0.49 20.43
CA LEU A 36 -3.41 0.61 19.27
C LEU A 36 -3.61 1.93 18.55
N PHE A 37 -4.63 2.71 18.90
CA PHE A 37 -4.91 4.01 18.25
C PHE A 37 -5.38 5.03 19.30
N CYS A 38 -4.71 6.17 19.34
CA CYS A 38 -5.13 7.31 20.19
C CYS A 38 -4.71 8.59 19.49
N MET A 39 -5.60 9.59 19.52
CA MET A 39 -5.24 10.99 19.22
C MET A 39 -5.02 11.72 20.54
N VAL A 40 -3.83 12.27 20.74
CA VAL A 40 -3.43 12.87 22.04
C VAL A 40 -3.27 14.36 21.83
N GLN A 41 -4.12 15.15 22.48
CA GLN A 41 -4.00 16.62 22.37
C GLN A 41 -2.73 17.03 23.13
N LEU A 42 -1.90 17.84 22.49
CA LEU A 42 -0.64 18.35 23.07
C LEU A 42 -0.92 19.50 24.03
N GLU A 43 -0.13 19.53 25.08
CA GLU A 43 -0.13 20.61 26.08
C GLU A 43 0.58 21.83 25.48
N PRO A 44 -0.11 22.96 25.28
CA PRO A 44 0.55 24.19 24.83
C PRO A 44 1.67 24.62 25.79
N GLY A 45 2.78 25.09 25.22
CA GLY A 45 3.96 25.61 25.92
C GLY A 45 4.94 24.53 26.33
N GLN A 46 4.64 23.25 26.13
CA GLN A 46 5.67 22.20 26.37
C GLN A 46 6.46 22.01 25.07
N SER A 47 7.61 21.36 25.19
CA SER A 47 8.65 21.29 24.14
C SER A 47 8.03 20.78 22.82
N GLU A 48 7.24 19.71 22.90
CA GLU A 48 6.72 19.03 21.69
C GLU A 48 5.74 19.97 20.97
N TYR A 49 4.76 20.50 21.68
CA TYR A 49 3.81 21.46 21.09
C TYR A 49 4.60 22.64 20.48
N ASN A 50 5.58 23.17 21.21
CA ASN A 50 6.34 24.36 20.74
C ASN A 50 7.05 24.05 19.41
N THR A 51 7.66 22.88 19.32
CA THR A 51 8.43 22.44 18.12
C THR A 51 7.48 22.37 16.93
N ILE A 52 6.33 21.71 17.11
CA ILE A 52 5.39 21.53 15.97
C ILE A 52 4.77 22.89 15.62
N LYS A 53 4.36 23.68 16.61
CA LYS A 53 3.80 25.03 16.37
C LYS A 53 4.79 25.87 15.56
N ASP A 54 6.07 25.82 15.90
CA ASP A 54 7.11 26.65 15.24
C ASP A 54 7.24 26.22 13.77
N LYS A 55 7.15 24.93 13.47
CA LYS A 55 7.26 24.44 12.07
C LYS A 55 6.12 25.05 11.24
N PHE A 56 4.96 25.22 11.85
CA PHE A 56 3.74 25.76 11.20
C PHE A 56 3.88 27.28 11.10
N THR A 57 4.26 27.95 12.19
CA THR A 57 4.32 29.43 12.22
C THR A 57 5.45 29.98 11.40
N ARG A 58 6.41 29.15 11.01
CA ARG A 58 7.48 29.60 10.08
C ARG A 58 6.80 30.27 8.88
N THR A 59 5.70 29.70 8.37
CA THR A 59 5.03 30.21 7.15
C THR A 59 3.54 30.56 7.37
N CYS A 60 2.95 30.25 8.51
CA CYS A 60 1.50 30.43 8.79
C CYS A 60 1.30 31.22 10.09
N SER A 61 2.14 32.21 10.34
CA SER A 61 2.09 32.98 11.60
C SER A 61 0.79 33.80 11.65
N SER A 62 0.11 34.03 10.52
CA SER A 62 -1.14 34.84 10.48
C SER A 62 -2.36 33.99 10.84
N TYR A 63 -2.20 32.68 11.00
CA TYR A 63 -3.34 31.79 11.34
C TYR A 63 -3.54 31.77 12.87
N ALA A 64 -4.60 31.11 13.31
CA ALA A 64 -4.93 30.88 14.73
C ALA A 64 -4.96 29.36 14.95
N ILE A 65 -4.12 28.86 15.83
CA ILE A 65 -4.07 27.41 16.17
C ILE A 65 -5.07 27.14 17.30
N GLU A 66 -5.99 26.24 17.07
CA GLU A 66 -6.96 25.77 18.09
C GLU A 66 -6.32 24.64 18.89
N LYS A 67 -5.74 23.66 18.23
CA LYS A 67 -5.05 22.58 18.96
C LYS A 67 -4.12 21.84 18.01
N ILE A 68 -3.22 21.09 18.64
CA ILE A 68 -2.29 20.17 17.93
C ILE A 68 -2.44 18.81 18.63
N GLU A 69 -2.67 17.79 17.83
CA GLU A 69 -2.86 16.41 18.33
C GLU A 69 -1.75 15.53 17.79
N ARG A 70 -1.19 14.71 18.67
CA ARG A 70 -0.23 13.66 18.29
C ARG A 70 -1.07 12.45 17.85
N ILE A 71 -0.79 11.95 16.66
CA ILE A 71 -1.46 10.74 16.14
C ILE A 71 -0.65 9.52 16.58
N GLN A 72 -1.24 8.67 17.40
CA GLN A 72 -0.58 7.45 17.89
C GLN A 72 -1.31 6.27 17.26
N ASN A 73 -0.84 5.88 16.10
CA ASN A 73 -1.45 4.77 15.34
C ASN A 73 -0.39 3.67 15.23
N ALA A 74 -0.46 2.66 16.07
CA ALA A 74 0.62 1.65 16.20
C ALA A 74 0.78 0.94 14.86
N PHE A 75 -0.34 0.55 14.22
CA PHE A 75 -0.27 -0.23 12.95
C PHE A 75 0.37 0.61 11.85
N LEU A 76 -0.05 1.85 11.69
CA LEU A 76 0.49 2.72 10.62
C LEU A 76 1.96 2.99 10.91
N TRP A 77 2.32 3.18 12.17
CA TRP A 77 3.72 3.43 12.56
C TRP A 77 4.54 2.21 12.18
N GLN A 78 4.05 1.03 12.54
CA GLN A 78 4.77 -0.25 12.27
CA GLN A 78 4.82 -0.21 12.28
C GLN A 78 5.05 -0.36 10.77
N SER A 79 4.01 -0.19 9.96
CA SER A 79 4.14 -0.40 8.50
C SER A 79 5.09 0.64 7.91
N TYR A 80 5.00 1.87 8.40
CA TYR A 80 5.89 2.97 7.98
C TYR A 80 7.35 2.66 8.35
N GLN A 81 7.59 2.21 9.58
CA GLN A 81 8.98 1.97 10.04
C GLN A 81 9.59 0.82 9.25
N VAL A 82 8.79 -0.18 8.88
CA VAL A 82 9.25 -1.27 8.00
C VAL A 82 9.66 -0.66 6.67
N LYS A 83 8.85 0.21 6.10
CA LYS A 83 9.21 0.81 4.79
CA LYS A 83 9.20 0.83 4.79
C LYS A 83 10.46 1.68 4.96
N LYS A 84 10.59 2.38 6.07
CA LYS A 84 11.78 3.24 6.30
C LYS A 84 13.02 2.36 6.35
N ARG A 85 12.95 1.24 7.08
CA ARG A 85 14.11 0.34 7.22
C ARG A 85 14.51 -0.17 5.84
N GLN A 86 13.54 -0.58 5.04
CA GLN A 86 13.76 -1.10 3.67
C GLN A 86 14.39 0.00 2.81
N MET A 87 13.88 1.23 2.89
CA MET A 87 14.40 2.30 2.02
C MET A 87 15.84 2.65 2.47
N ASP A 88 16.09 2.65 3.77
CA ASP A 88 17.44 2.92 4.34
C ASP A 88 18.42 1.88 3.78
N ILE A 89 18.03 0.59 3.74
CA ILE A 89 18.86 -0.50 3.17
C ILE A 89 19.08 -0.28 1.67
N LYS A 90 17.99 -0.10 0.93
CA LYS A 90 18.00 0.03 -0.54
C LYS A 90 18.91 1.19 -0.93
N ASN A 91 18.77 2.34 -0.28
CA ASN A 91 19.49 3.57 -0.67
C ASN A 91 20.87 3.64 0.00
N ASP A 92 21.13 2.73 0.93
CA ASP A 92 22.40 2.61 1.69
C ASP A 92 22.70 3.90 2.46
N HIS A 93 21.68 4.59 2.95
CA HIS A 93 21.83 5.77 3.85
C HIS A 93 20.51 5.96 4.60
N LYS A 94 20.54 6.81 5.61
CA LYS A 94 19.39 7.10 6.51
C LYS A 94 18.95 8.55 6.30
N ASN A 95 19.05 9.07 5.08
CA ASN A 95 18.58 10.44 4.75
C ASN A 95 17.33 10.34 3.89
N ASN A 96 16.41 9.44 4.23
CA ASN A 96 15.26 9.17 3.33
C ASN A 96 13.97 9.85 3.78
N GLU A 97 13.97 10.48 4.94
CA GLU A 97 12.74 10.98 5.59
C GLU A 97 12.77 12.51 5.64
N ARG A 98 11.62 13.13 5.44
CA ARG A 98 11.42 14.59 5.53
C ARG A 98 10.12 14.82 6.30
N LEU A 99 10.03 15.94 7.00
CA LEU A 99 8.78 16.33 7.66
C LEU A 99 8.06 17.33 6.76
N LEU A 100 6.87 16.97 6.32
CA LEU A 100 6.09 17.76 5.34
C LEU A 100 4.68 17.96 5.86
N PHE A 101 3.93 18.76 5.13
CA PHE A 101 2.57 19.15 5.55
C PHE A 101 1.57 18.60 4.54
N HIS A 102 0.36 18.33 5.01
CA HIS A 102 -0.75 17.94 4.12
C HIS A 102 -2.05 18.53 4.65
N GLY A 103 -2.66 19.36 3.83
CA GLY A 103 -3.98 19.96 4.11
C GLY A 103 -5.06 19.06 3.56
N THR A 104 -6.11 18.86 4.35
CA THR A 104 -7.26 18.04 3.90
C THR A 104 -8.53 18.58 4.54
N ASP A 105 -9.66 18.08 4.03
CA ASP A 105 -11.00 18.47 4.52
C ASP A 105 -11.30 17.69 5.79
N ALA A 106 -12.22 18.19 6.60
CA ALA A 106 -12.60 17.56 7.86
C ALA A 106 -13.12 16.14 7.62
N ASP A 107 -13.84 15.90 6.53
CA ASP A 107 -14.43 14.54 6.34
C ASP A 107 -13.33 13.49 6.07
N SER A 108 -12.11 13.87 5.69
CA SER A 108 -11.00 12.93 5.40
C SER A 108 -10.19 12.65 6.67
N VAL A 109 -10.36 13.47 7.70
CA VAL A 109 -9.46 13.42 8.89
C VAL A 109 -9.60 12.05 9.55
N PRO A 110 -10.81 11.51 9.83
CA PRO A 110 -10.90 10.21 10.50
C PRO A 110 -10.21 9.10 9.71
N TYR A 111 -10.36 9.15 8.40
CA TYR A 111 -9.72 8.15 7.53
C TYR A 111 -8.19 8.25 7.67
N VAL A 112 -7.64 9.45 7.53
CA VAL A 112 -6.17 9.64 7.57
C VAL A 112 -5.67 9.20 8.94
N ASN A 113 -6.35 9.59 10.00
CA ASN A 113 -5.84 9.23 11.35
C ASN A 113 -5.72 7.71 11.47
N GLN A 114 -6.70 6.99 10.96
CA GLN A 114 -6.79 5.52 11.11
C GLN A 114 -5.99 4.78 10.04
N HIS A 115 -6.04 5.24 8.80
CA HIS A 115 -5.51 4.49 7.64
C HIS A 115 -4.38 5.21 6.92
N GLY A 116 -4.05 6.43 7.29
CA GLY A 116 -3.01 7.21 6.61
C GLY A 116 -3.46 7.65 5.24
N PHE A 117 -2.50 7.84 4.36
CA PHE A 117 -2.71 8.49 3.05
C PHE A 117 -2.99 7.44 2.00
N ASN A 118 -3.95 7.75 1.13
CA ASN A 118 -4.42 6.80 0.10
C ASN A 118 -4.50 7.53 -1.24
N ARG A 119 -3.62 7.17 -2.18
CA ARG A 119 -3.59 7.79 -3.51
C ARG A 119 -4.92 7.58 -4.24
N SER A 120 -5.71 6.58 -3.86
CA SER A 120 -6.99 6.26 -4.56
C SER A 120 -8.08 7.24 -4.15
N CYS A 121 -7.85 8.08 -3.13
CA CYS A 121 -8.83 9.07 -2.60
C CYS A 121 -8.62 10.48 -3.18
N ASN A 125 -8.75 17.72 -6.46
CA ASN A 125 -7.56 18.60 -6.55
C ASN A 125 -6.67 18.11 -7.71
N ALA A 126 -5.65 18.90 -8.06
CA ALA A 126 -4.70 18.63 -9.17
C ALA A 126 -3.80 17.44 -8.81
N VAL A 127 -3.35 16.75 -9.86
CA VAL A 127 -2.40 15.59 -9.82
C VAL A 127 -1.36 15.79 -10.95
N SER A 128 -0.93 17.05 -11.07
CA SER A 128 0.02 17.57 -12.09
C SER A 128 1.35 16.81 -12.06
N TYR A 129 1.77 16.26 -10.91
CA TYR A 129 3.10 15.60 -10.81
C TYR A 129 2.90 14.11 -10.62
N GLY A 130 1.69 13.59 -10.79
CA GLY A 130 1.41 12.15 -10.71
C GLY A 130 0.25 11.83 -9.78
N LYS A 131 -0.29 10.63 -9.91
CA LYS A 131 -1.44 10.13 -9.13
C LYS A 131 -0.92 9.53 -7.84
N GLY A 132 -0.47 10.40 -6.95
CA GLY A 132 -0.03 10.00 -5.62
C GLY A 132 -0.62 10.92 -4.58
N THR A 133 -0.08 10.87 -3.37
CA THR A 133 -0.45 11.79 -2.28
C THR A 133 0.59 12.89 -2.26
N TYR A 134 0.12 14.12 -2.15
CA TYR A 134 0.91 15.37 -2.25
C TYR A 134 1.19 15.89 -0.85
N PHE A 135 2.44 16.29 -0.62
CA PHE A 135 2.90 16.86 0.65
C PHE A 135 3.68 18.13 0.34
N ALA A 136 3.49 19.15 1.16
CA ALA A 136 4.12 20.47 0.94
C ALA A 136 5.30 20.63 1.88
N VAL A 137 6.34 21.28 1.38
CA VAL A 137 7.47 21.71 2.23
C VAL A 137 7.01 22.81 3.21
N ASP A 138 6.17 23.74 2.75
CA ASP A 138 5.72 24.90 3.56
C ASP A 138 4.29 24.70 4.02
N ALA A 139 4.00 24.91 5.31
CA ALA A 139 2.62 24.83 5.83
C ALA A 139 1.73 25.80 5.04
N SER A 140 2.25 26.96 4.63
CA SER A 140 1.47 27.98 3.88
C SER A 140 0.84 27.37 2.62
N TYR A 141 1.50 26.42 1.98
CA TYR A 141 0.95 25.78 0.75
C TYR A 141 -0.26 24.92 1.14
N SER A 142 -0.08 24.08 2.16
CA SER A 142 -1.14 23.21 2.70
C SER A 142 -2.28 24.05 3.29
N ALA A 143 -2.00 25.28 3.71
CA ALA A 143 -3.01 26.15 4.37
C ALA A 143 -3.98 26.71 3.32
N LYS A 144 -3.71 26.53 2.03
CA LYS A 144 -4.69 26.95 0.99
C LYS A 144 -6.02 26.25 1.23
N ASP A 145 -7.12 26.99 1.05
CA ASP A 145 -8.49 26.47 1.25
C ASP A 145 -8.74 25.27 0.33
N THR A 146 -8.10 25.20 -0.84
CA THR A 146 -8.30 24.07 -1.79
C THR A 146 -7.86 22.76 -1.12
N TYR A 147 -6.93 22.81 -0.16
CA TYR A 147 -6.39 21.60 0.50
C TYR A 147 -7.03 21.48 1.87
N SER A 148 -6.69 22.41 2.76
CA SER A 148 -7.25 22.44 4.14
C SER A 148 -8.62 23.15 4.10
N LYS A 149 -9.60 22.50 3.45
CA LYS A 149 -10.96 23.07 3.22
C LYS A 149 -11.53 23.54 4.55
N PRO A 150 -11.91 24.82 4.72
CA PRO A 150 -12.55 25.23 5.97
C PRO A 150 -13.94 24.59 6.10
N ASP A 151 -14.28 24.11 7.29
CA ASP A 151 -15.60 23.52 7.61
C ASP A 151 -16.56 24.68 7.91
N SER A 152 -17.76 24.36 8.37
CA SER A 152 -18.86 25.30 8.72
C SER A 152 -18.34 26.48 9.56
N ASN A 153 -17.43 26.19 10.50
CA ASN A 153 -16.95 27.15 11.54
C ASN A 153 -15.62 27.78 11.13
N GLY A 154 -15.11 27.49 9.93
CA GLY A 154 -13.84 28.04 9.45
C GLY A 154 -12.66 27.22 9.93
N ARG A 155 -12.91 26.07 10.57
CA ARG A 155 -11.82 25.19 11.07
C ARG A 155 -11.13 24.55 9.87
N LYS A 156 -9.81 24.60 9.87
CA LYS A 156 -8.98 24.01 8.80
C LYS A 156 -8.12 22.94 9.46
N HIS A 157 -7.70 21.94 8.68
CA HIS A 157 -6.97 20.75 9.19
C HIS A 157 -5.73 20.55 8.34
N MET A 158 -4.60 20.42 9.02
CA MET A 158 -3.31 20.16 8.35
C MET A 158 -2.56 19.13 9.17
N TYR A 159 -2.01 18.13 8.48
CA TYR A 159 -1.13 17.13 9.10
C TYR A 159 0.33 17.58 8.95
N VAL A 160 1.10 17.23 9.97
CA VAL A 160 2.58 17.22 9.91
C VAL A 160 2.92 15.75 9.72
N VAL A 161 3.67 15.45 8.67
CA VAL A 161 3.78 14.06 8.15
C VAL A 161 5.24 13.69 8.01
N ARG A 162 5.59 12.53 8.52
CA ARG A 162 6.90 11.90 8.19
CA ARG A 162 6.90 11.90 8.19
C ARG A 162 6.74 11.25 6.82
N VAL A 163 7.54 11.67 5.85
CA VAL A 163 7.45 11.16 4.46
C VAL A 163 8.80 10.59 4.04
N LEU A 164 8.77 9.37 3.52
CA LEU A 164 9.94 8.70 2.93
C LEU A 164 10.09 9.19 1.49
N THR A 165 10.64 10.38 1.34
CA THR A 165 10.93 11.00 0.04
C THR A 165 12.12 10.28 -0.63
N GLY A 166 13.06 9.73 0.14
CA GLY A 166 14.23 9.03 -0.41
C GLY A 166 14.88 9.78 -1.55
N VAL A 167 15.19 9.08 -2.63
CA VAL A 167 15.80 9.66 -3.86
C VAL A 167 14.65 10.06 -4.77
N PHE A 168 14.62 11.34 -5.15
CA PHE A 168 13.48 11.88 -5.90
C PHE A 168 13.93 12.48 -7.22
N THR A 169 12.94 12.62 -8.10
CA THR A 169 13.13 13.19 -9.43
C THR A 169 11.94 14.09 -9.71
N LYS A 170 12.01 14.83 -10.80
CA LYS A 170 10.88 15.68 -11.20
C LYS A 170 9.73 14.77 -11.63
N GLY A 171 8.54 15.11 -11.16
CA GLY A 171 7.30 14.41 -11.54
C GLY A 171 6.72 14.97 -12.82
N ARG A 172 5.62 14.38 -13.26
CA ARG A 172 4.87 14.82 -14.45
CA ARG A 172 4.88 14.82 -14.45
C ARG A 172 3.50 14.19 -14.40
N ALA A 173 2.56 14.75 -15.14
CA ALA A 173 1.16 14.28 -15.10
C ALA A 173 1.09 12.83 -15.54
N GLY A 174 0.27 12.06 -14.85
CA GLY A 174 -0.13 10.72 -15.32
C GLY A 174 0.75 9.64 -14.75
N LEU A 175 1.84 9.98 -14.05
CA LEU A 175 2.64 8.94 -13.34
C LEU A 175 1.73 8.18 -12.38
N VAL A 176 1.84 6.86 -12.34
CA VAL A 176 1.15 6.04 -11.29
C VAL A 176 2.17 5.52 -10.28
N THR A 177 3.48 5.53 -10.62
CA THR A 177 4.62 5.27 -9.71
C THR A 177 5.73 6.24 -10.06
N PRO A 178 6.78 6.39 -9.22
CA PRO A 178 7.90 7.21 -9.62
C PRO A 178 8.54 6.57 -10.83
N PRO A 179 9.21 7.37 -11.66
CA PRO A 179 9.95 6.85 -12.80
C PRO A 179 11.09 5.94 -12.38
N PRO A 180 11.62 5.12 -13.28
CA PRO A 180 12.84 4.38 -12.99
C PRO A 180 14.04 5.33 -12.96
N LYS A 181 15.05 5.00 -12.17
CA LYS A 181 16.33 5.76 -12.09
C LYS A 181 17.13 5.57 -13.38
N ASN A 182 16.90 4.47 -14.09
CA ASN A 182 17.54 4.16 -15.40
C ASN A 182 16.56 3.30 -16.21
N PRO A 183 16.16 3.72 -17.43
CA PRO A 183 15.35 2.87 -18.31
C PRO A 183 15.91 1.45 -18.50
N HIS A 184 17.22 1.23 -18.27
CA HIS A 184 17.90 -0.09 -18.39
C HIS A 184 17.45 -1.04 -17.26
N ASN A 185 17.08 -0.52 -16.08
CA ASN A 185 16.43 -1.33 -15.01
C ASN A 185 15.09 -0.68 -14.66
N PRO A 186 14.03 -0.99 -15.45
CA PRO A 186 12.74 -0.32 -15.28
C PRO A 186 12.12 -0.48 -13.89
N THR A 187 12.48 -1.51 -13.12
CA THR A 187 11.83 -1.78 -11.81
C THR A 187 12.55 -1.08 -10.67
N ASP A 188 13.74 -0.52 -10.89
CA ASP A 188 14.49 0.20 -9.82
C ASP A 188 14.04 1.65 -9.85
N LEU A 189 13.12 2.02 -8.97
CA LEU A 189 12.37 3.30 -9.08
C LEU A 189 12.98 4.35 -8.16
N PHE A 190 12.84 5.62 -8.55
CA PHE A 190 12.88 6.74 -7.59
C PHE A 190 11.88 6.46 -6.46
N ASP A 191 12.10 7.06 -5.30
CA ASP A 191 11.22 6.83 -4.12
C ASP A 191 10.03 7.79 -4.15
N SER A 192 10.23 8.95 -4.75
CA SER A 192 9.18 9.99 -4.82
C SER A 192 9.47 10.92 -5.98
N VAL A 193 8.52 11.80 -6.27
CA VAL A 193 8.76 12.88 -7.25
C VAL A 193 8.45 14.21 -6.61
N THR A 194 8.92 15.25 -7.25
CA THR A 194 8.80 16.63 -6.78
C THR A 194 8.51 17.54 -7.96
N ASN A 195 8.14 18.78 -7.65
CA ASN A 195 7.95 19.80 -8.69
C ASN A 195 9.31 20.26 -9.22
N ASN A 196 10.33 20.28 -8.37
CA ASN A 196 11.63 20.92 -8.67
C ASN A 196 12.71 20.25 -7.82
N THR A 197 13.67 19.58 -8.43
CA THR A 197 14.70 18.81 -7.69
C THR A 197 15.66 19.75 -6.95
N ARG A 198 15.98 20.92 -7.49
CA ARG A 198 16.96 21.86 -6.89
C ARG A 198 16.35 22.50 -5.65
N SER A 199 15.07 22.87 -5.70
CA SER A 199 14.37 23.61 -4.62
C SER A 199 12.94 23.09 -4.54
N PRO A 200 12.76 21.88 -4.00
CA PRO A 200 11.44 21.27 -3.94
C PRO A 200 10.48 22.07 -3.06
N LYS A 201 9.22 22.14 -3.48
CA LYS A 201 8.15 22.69 -2.62
C LYS A 201 7.06 21.66 -2.39
N LEU A 202 7.01 20.60 -3.20
CA LEU A 202 6.03 19.51 -2.97
C LEU A 202 6.70 18.18 -3.30
N PHE A 203 6.22 17.15 -2.63
CA PHE A 203 6.59 15.76 -2.93
C PHE A 203 5.33 14.94 -3.12
N VAL A 204 5.44 13.95 -3.99
CA VAL A 204 4.36 13.00 -4.27
C VAL A 204 4.89 11.61 -3.97
N VAL A 205 4.14 10.86 -3.18
CA VAL A 205 4.47 9.43 -2.93
C VAL A 205 3.31 8.59 -3.45
N PHE A 206 3.64 7.39 -3.89
CA PHE A 206 2.75 6.56 -4.72
C PHE A 206 2.46 5.23 -4.04
N PHE A 207 2.91 5.04 -2.81
CA PHE A 207 2.71 3.76 -2.10
C PHE A 207 2.19 4.02 -0.69
N ASP A 208 1.36 3.09 -0.26
CA ASP A 208 0.81 3.09 1.10
C ASP A 208 1.99 3.00 2.07
N ASN A 209 1.87 3.64 3.20
CA ASN A 209 2.83 3.43 4.29
C ASN A 209 4.19 4.05 3.90
N GLN A 210 4.22 4.98 2.94
CA GLN A 210 5.40 5.83 2.71
C GLN A 210 5.29 7.14 3.48
N ALA A 211 4.19 7.35 4.19
CA ALA A 211 3.91 8.60 4.91
C ALA A 211 3.20 8.23 6.20
N TYR A 212 3.68 8.81 7.30
CA TYR A 212 3.05 8.61 8.61
C TYR A 212 2.52 9.96 9.09
N PRO A 213 1.20 10.09 9.31
CA PRO A 213 0.61 11.33 9.83
C PRO A 213 0.95 11.43 11.33
N GLU A 214 1.79 12.38 11.69
CA GLU A 214 2.39 12.42 13.03
C GLU A 214 1.60 13.40 13.89
N TYR A 215 1.23 14.56 13.36
CA TYR A 215 0.45 15.56 14.10
C TYR A 215 -0.68 16.06 13.23
N LEU A 216 -1.76 16.42 13.89
CA LEU A 216 -2.90 17.12 13.25
C LEU A 216 -3.01 18.49 13.87
N ILE A 217 -2.92 19.52 13.03
CA ILE A 217 -3.11 20.92 13.47
C ILE A 217 -4.52 21.32 13.06
N THR A 218 -5.30 21.77 14.03
CA THR A 218 -6.62 22.38 13.77
C THR A 218 -6.43 23.87 13.93
N PHE A 219 -6.80 24.65 12.92
CA PHE A 219 -6.46 26.09 12.88
C PHE A 219 -7.51 26.85 12.09
N THR A 220 -7.46 28.17 12.21
CA THR A 220 -8.34 29.08 11.45
C THR A 220 -7.50 30.17 10.82
N ALA A 221 -8.03 30.78 9.76
CA ALA A 221 -7.39 31.93 9.11
C ALA A 221 -7.57 33.19 9.96
N ASN B 24 12.70 -12.28 9.53
CA ASN B 24 11.51 -13.21 9.58
C ASN B 24 11.39 -14.04 8.29
N LEU B 25 12.48 -14.18 7.50
CA LEU B 25 12.38 -14.92 6.20
C LEU B 25 12.21 -16.42 6.46
N PRO B 26 11.32 -17.09 5.70
CA PRO B 26 11.03 -18.51 5.90
C PRO B 26 12.29 -19.38 5.75
N GLU B 27 12.42 -20.37 6.62
CA GLU B 27 13.68 -21.15 6.82
CA GLU B 27 13.71 -21.08 6.80
C GLU B 27 13.96 -22.04 5.62
N HIS B 28 12.92 -22.37 4.85
CA HIS B 28 13.05 -23.28 3.68
C HIS B 28 13.30 -22.48 2.39
N TRP B 29 13.29 -21.15 2.43
CA TRP B 29 13.77 -20.34 1.27
C TRP B 29 15.24 -20.68 0.99
N THR B 30 15.65 -20.57 -0.27
CA THR B 30 17.08 -20.62 -0.64
C THR B 30 17.77 -19.43 0.01
N ASP B 31 19.01 -19.66 0.44
CA ASP B 31 19.97 -18.62 0.91
C ASP B 31 20.14 -17.68 -0.26
N MET B 32 19.88 -16.40 -0.05
CA MET B 32 19.99 -15.41 -1.15
C MET B 32 21.29 -14.61 -1.04
N ASN B 33 22.24 -15.03 -0.20
CA ASN B 33 23.59 -14.41 -0.06
C ASN B 33 23.46 -12.88 0.04
N HIS B 34 22.67 -12.40 0.99
CA HIS B 34 22.44 -10.96 1.27
C HIS B 34 21.58 -10.30 0.18
N GLN B 35 21.32 -10.97 -0.96
CA GLN B 35 20.38 -10.46 -1.99
C GLN B 35 18.98 -10.43 -1.38
N LEU B 36 18.13 -9.55 -1.90
CA LEU B 36 16.78 -9.24 -1.36
C LEU B 36 15.71 -9.93 -2.18
N PHE B 37 16.09 -10.52 -3.30
CA PHE B 37 15.13 -11.03 -4.31
C PHE B 37 15.75 -12.20 -5.07
N CYS B 38 14.97 -13.26 -5.23
CA CYS B 38 15.34 -14.45 -6.01
C CYS B 38 14.04 -15.11 -6.50
N MET B 39 14.06 -15.63 -7.71
CA MET B 39 13.05 -16.56 -8.24
C MET B 39 13.67 -17.96 -8.20
N VAL B 40 12.97 -18.91 -7.58
CA VAL B 40 13.52 -20.29 -7.39
C VAL B 40 12.68 -21.29 -8.20
N GLN B 41 13.29 -21.89 -9.21
CA GLN B 41 12.61 -22.91 -10.03
C GLN B 41 12.37 -24.17 -9.20
N LEU B 42 11.12 -24.61 -9.09
CA LEU B 42 10.76 -25.83 -8.33
C LEU B 42 10.90 -27.06 -9.21
N GLU B 43 11.07 -28.20 -8.55
CA GLU B 43 11.21 -29.51 -9.22
C GLU B 43 9.86 -30.23 -9.15
N PRO B 44 9.36 -30.71 -10.31
CA PRO B 44 8.25 -31.65 -10.30
C PRO B 44 8.56 -32.86 -9.40
N GLY B 45 7.55 -33.32 -8.68
CA GLY B 45 7.72 -34.46 -7.75
C GLY B 45 7.94 -33.98 -6.33
N GLN B 46 8.45 -32.77 -6.14
CA GLN B 46 8.48 -32.15 -4.80
C GLN B 46 7.05 -31.81 -4.41
N SER B 47 6.71 -32.00 -3.14
CA SER B 47 5.35 -31.66 -2.64
C SER B 47 5.03 -30.20 -3.00
N GLU B 48 6.01 -29.31 -2.88
CA GLU B 48 5.77 -27.86 -3.06
C GLU B 48 5.31 -27.61 -4.50
N TYR B 49 5.96 -28.25 -5.47
CA TYR B 49 5.57 -28.12 -6.88
C TYR B 49 4.22 -28.80 -7.12
N ASN B 50 4.05 -30.00 -6.62
CA ASN B 50 2.87 -30.83 -6.92
C ASN B 50 1.61 -30.17 -6.35
N THR B 51 1.67 -29.57 -5.16
CA THR B 51 0.48 -28.93 -4.54
CA THR B 51 0.46 -28.97 -4.57
C THR B 51 0.00 -27.79 -5.44
N ILE B 52 0.94 -27.02 -5.98
CA ILE B 52 0.59 -25.88 -6.88
C ILE B 52 0.07 -26.44 -8.20
N LYS B 53 0.73 -27.44 -8.75
CA LYS B 53 0.25 -28.02 -10.02
C LYS B 53 -1.16 -28.55 -9.80
N ASP B 54 -1.44 -29.22 -8.67
CA ASP B 54 -2.76 -29.82 -8.41
C ASP B 54 -3.80 -28.71 -8.31
N LYS B 55 -3.46 -27.60 -7.63
CA LYS B 55 -4.39 -26.47 -7.39
C LYS B 55 -4.77 -25.86 -8.74
N PHE B 56 -3.80 -25.75 -9.63
CA PHE B 56 -3.94 -25.23 -11.00
C PHE B 56 -4.77 -26.21 -11.85
N THR B 57 -4.42 -27.49 -11.85
CA THR B 57 -5.02 -28.48 -12.78
CA THR B 57 -5.00 -28.51 -12.75
C THR B 57 -6.45 -28.80 -12.35
N ARG B 58 -6.81 -28.51 -11.10
CA ARG B 58 -8.20 -28.74 -10.62
C ARG B 58 -9.16 -28.07 -11.63
N THR B 59 -8.79 -26.89 -12.15
CA THR B 59 -9.69 -26.14 -13.07
C THR B 59 -9.03 -25.85 -14.43
N CYS B 60 -7.74 -26.16 -14.61
CA CYS B 60 -6.95 -25.82 -15.82
C CYS B 60 -6.29 -27.06 -16.44
N SER B 61 -6.97 -28.17 -16.48
CA SER B 61 -6.33 -29.45 -16.91
C SER B 61 -6.07 -29.45 -18.42
N SER B 62 -6.63 -28.52 -19.20
CA SER B 62 -6.39 -28.43 -20.67
C SER B 62 -5.06 -27.70 -20.98
N TYR B 63 -4.52 -26.99 -20.00
CA TYR B 63 -3.21 -26.28 -20.14
C TYR B 63 -2.12 -27.19 -19.60
N ALA B 64 -0.89 -26.84 -19.90
CA ALA B 64 0.31 -27.54 -19.41
C ALA B 64 1.30 -26.56 -18.81
N ILE B 65 1.80 -26.91 -17.63
CA ILE B 65 2.76 -26.03 -16.91
C ILE B 65 4.16 -26.19 -17.53
N GLU B 66 4.77 -25.07 -17.84
CA GLU B 66 6.19 -25.03 -18.23
C GLU B 66 7.03 -25.14 -16.96
N LYS B 67 6.80 -24.25 -16.02
CA LYS B 67 7.61 -24.19 -14.80
C LYS B 67 6.83 -23.46 -13.71
N ILE B 68 7.27 -23.70 -12.50
CA ILE B 68 6.75 -23.04 -11.30
C ILE B 68 7.94 -22.46 -10.55
N GLU B 69 7.89 -21.17 -10.31
CA GLU B 69 8.97 -20.47 -9.61
C GLU B 69 8.45 -19.94 -8.28
N ARG B 70 9.18 -20.23 -7.21
CA ARG B 70 8.95 -19.61 -5.87
C ARG B 70 9.54 -18.21 -5.88
N ILE B 71 8.71 -17.22 -5.52
CA ILE B 71 9.10 -15.79 -5.46
C ILE B 71 9.61 -15.51 -4.06
N GLN B 72 10.89 -15.20 -3.94
CA GLN B 72 11.52 -14.85 -2.64
C GLN B 72 11.85 -13.36 -2.69
N ASN B 73 10.89 -12.56 -2.20
CA ASN B 73 11.02 -11.10 -2.21
C ASN B 73 10.99 -10.64 -0.76
N ALA B 74 12.16 -10.33 -0.21
CA ALA B 74 12.29 -10.09 1.24
C ALA B 74 11.43 -8.92 1.68
N PHE B 75 11.47 -7.82 0.95
CA PHE B 75 10.75 -6.59 1.35
C PHE B 75 9.24 -6.81 1.23
N LEU B 76 8.77 -7.41 0.14
CA LEU B 76 7.31 -7.64 0.01
C LEU B 76 6.88 -8.60 1.13
N TRP B 77 7.68 -9.62 1.42
CA TRP B 77 7.32 -10.60 2.46
C TRP B 77 7.18 -9.88 3.79
N GLN B 78 8.16 -9.06 4.13
CA GLN B 78 8.19 -8.35 5.45
C GLN B 78 6.92 -7.48 5.56
N SER B 79 6.64 -6.67 4.56
CA SER B 79 5.49 -5.73 4.63
C SER B 79 4.19 -6.54 4.72
N TYR B 80 4.08 -7.61 3.95
CA TYR B 80 2.88 -8.48 3.91
C TYR B 80 2.70 -9.14 5.28
N GLN B 81 3.76 -9.68 5.83
CA GLN B 81 3.64 -10.37 7.13
C GLN B 81 3.26 -9.37 8.23
N VAL B 82 3.74 -8.14 8.14
CA VAL B 82 3.29 -7.09 9.09
C VAL B 82 1.78 -6.88 8.94
N LYS B 83 1.29 -6.71 7.72
CA LYS B 83 -0.17 -6.56 7.50
C LYS B 83 -0.92 -7.77 8.02
N LYS B 84 -0.38 -8.98 7.84
CA LYS B 84 -1.10 -10.20 8.23
C LYS B 84 -1.20 -10.21 9.77
N ARG B 85 -0.09 -9.89 10.44
CA ARG B 85 -0.11 -9.86 11.91
C ARG B 85 -1.15 -8.85 12.39
N GLN B 86 -1.18 -7.69 11.77
CA GLN B 86 -2.15 -6.63 12.14
C GLN B 86 -3.57 -7.14 11.92
N MET B 87 -3.84 -7.78 10.80
CA MET B 87 -5.22 -8.24 10.49
C MET B 87 -5.62 -9.36 11.46
N ASP B 88 -4.71 -10.25 11.76
CA ASP B 88 -4.93 -11.36 12.71
C ASP B 88 -5.26 -10.77 14.10
N ILE B 89 -4.55 -9.71 14.51
CA ILE B 89 -4.82 -9.02 15.80
C ILE B 89 -6.21 -8.42 15.75
N LYS B 90 -6.49 -7.65 14.70
CA LYS B 90 -7.73 -6.86 14.59
C LYS B 90 -8.93 -7.79 14.56
N ASN B 91 -8.86 -8.89 13.80
CA ASN B 91 -10.03 -9.74 13.52
C ASN B 91 -10.18 -10.80 14.61
N ASP B 92 -9.15 -10.97 15.42
CA ASP B 92 -9.13 -11.86 16.61
C ASP B 92 -9.39 -13.29 16.16
N HIS B 93 -8.84 -13.63 15.00
CA HIS B 93 -8.72 -15.01 14.48
C HIS B 93 -7.65 -14.95 13.39
N LYS B 94 -7.23 -16.14 12.97
CA LYS B 94 -6.17 -16.36 11.96
C LYS B 94 -6.80 -17.08 10.75
N ASN B 95 -8.00 -16.65 10.34
CA ASN B 95 -8.67 -17.15 9.09
C ASN B 95 -8.62 -16.09 7.97
N ASN B 96 -7.55 -15.30 7.93
CA ASN B 96 -7.57 -14.04 7.15
C ASN B 96 -6.90 -14.22 5.79
N GLU B 97 -6.20 -15.32 5.57
CA GLU B 97 -5.38 -15.50 4.36
C GLU B 97 -5.94 -16.62 3.50
N ARG B 98 -6.04 -16.34 2.22
CA ARG B 98 -6.44 -17.33 1.19
CA ARG B 98 -6.44 -17.34 1.20
C ARG B 98 -5.32 -17.42 0.16
N LEU B 99 -5.23 -18.54 -0.51
CA LEU B 99 -4.26 -18.72 -1.61
C LEU B 99 -5.06 -18.65 -2.91
N LEU B 100 -4.81 -17.58 -3.67
CA LEU B 100 -5.62 -17.24 -4.85
C LEU B 100 -4.72 -17.13 -6.07
N PHE B 101 -5.32 -16.90 -7.23
CA PHE B 101 -4.61 -16.81 -8.51
C PHE B 101 -4.71 -15.40 -9.05
N HIS B 102 -3.73 -15.03 -9.84
CA HIS B 102 -3.74 -13.74 -10.57
C HIS B 102 -3.05 -13.92 -11.90
N GLY B 103 -3.85 -13.86 -12.96
CA GLY B 103 -3.37 -13.87 -14.35
C GLY B 103 -2.85 -12.51 -14.72
N THR B 104 -1.68 -12.45 -15.36
CA THR B 104 -1.25 -11.13 -15.89
C THR B 104 -0.44 -11.30 -17.16
N ASP B 105 -0.16 -10.17 -17.80
CA ASP B 105 0.63 -10.11 -19.03
C ASP B 105 2.11 -10.20 -18.69
N ALA B 106 2.90 -10.65 -19.66
CA ALA B 106 4.36 -10.80 -19.48
C ALA B 106 4.99 -9.45 -19.12
N ASP B 107 4.49 -8.34 -19.67
CA ASP B 107 5.12 -7.01 -19.43
C ASP B 107 4.98 -6.62 -17.95
N SER B 108 4.02 -7.19 -17.22
CA SER B 108 3.78 -6.85 -15.78
C SER B 108 4.62 -7.72 -14.84
N VAL B 109 5.14 -8.83 -15.32
CA VAL B 109 5.77 -9.85 -14.44
C VAL B 109 6.98 -9.23 -13.72
N PRO B 110 7.93 -8.54 -14.38
CA PRO B 110 9.08 -7.98 -13.64
C PRO B 110 8.64 -7.04 -12.52
N TYR B 111 7.63 -6.21 -12.78
CA TYR B 111 7.11 -5.26 -11.76
C TYR B 111 6.51 -6.05 -10.59
N VAL B 112 5.64 -7.01 -10.84
CA VAL B 112 4.95 -7.76 -9.75
C VAL B 112 6.00 -8.49 -8.92
N ASN B 113 6.95 -9.15 -9.59
CA ASN B 113 7.98 -9.91 -8.87
C ASN B 113 8.67 -8.99 -7.86
N GLN B 114 8.95 -7.75 -8.26
CA GLN B 114 9.79 -6.81 -7.45
C GLN B 114 8.91 -6.04 -6.47
N HIS B 115 7.73 -5.64 -6.92
CA HIS B 115 6.93 -4.58 -6.22
C HIS B 115 5.54 -5.04 -5.83
N GLY B 116 5.12 -6.21 -6.27
CA GLY B 116 3.83 -6.76 -5.90
C GLY B 116 2.72 -6.17 -6.74
N PHE B 117 1.50 -6.18 -6.21
CA PHE B 117 0.27 -5.84 -6.93
C PHE B 117 -0.14 -4.42 -6.63
N ASN B 118 -0.17 -3.60 -7.68
CA ASN B 118 -0.44 -2.17 -7.60
C ASN B 118 -1.85 -1.91 -8.12
N ARG B 119 -2.78 -1.55 -7.25
CA ARG B 119 -4.17 -1.24 -7.69
C ARG B 119 -4.16 -0.13 -8.76
N SER B 120 -3.19 0.77 -8.75
CA SER B 120 -3.16 1.91 -9.69
C SER B 120 -2.97 1.42 -11.14
N CYS B 121 -2.44 0.21 -11.30
CA CYS B 121 -2.15 -0.41 -12.60
C CYS B 121 -3.25 -1.40 -13.01
N ALA B 122 -4.23 -1.66 -12.14
CA ALA B 122 -5.18 -2.76 -12.35
C ALA B 122 -6.10 -2.45 -13.51
N GLY B 123 -6.45 -3.47 -14.27
CA GLY B 123 -7.45 -3.36 -15.34
C GLY B 123 -8.84 -3.28 -14.76
N LYS B 124 -9.80 -2.67 -15.46
CA LYS B 124 -11.23 -2.79 -15.10
C LYS B 124 -11.63 -4.25 -15.37
N ASN B 125 -12.18 -4.92 -14.38
CA ASN B 125 -12.65 -6.33 -14.54
C ASN B 125 -13.95 -6.30 -15.35
N ALA B 126 -14.20 -7.34 -16.14
CA ALA B 126 -15.43 -7.45 -16.95
C ALA B 126 -16.64 -7.49 -16.03
N VAL B 127 -16.50 -7.98 -14.79
CA VAL B 127 -17.56 -7.76 -13.77
C VAL B 127 -16.85 -7.06 -12.62
N SER B 128 -17.08 -5.77 -12.48
CA SER B 128 -16.34 -4.97 -11.48
C SER B 128 -17.08 -4.93 -10.16
N TYR B 129 -16.37 -5.35 -9.12
CA TYR B 129 -16.82 -5.28 -7.71
C TYR B 129 -16.00 -4.23 -6.95
N GLY B 130 -15.32 -3.36 -7.67
CA GLY B 130 -14.53 -2.27 -7.10
C GLY B 130 -13.23 -2.07 -7.86
N LYS B 131 -12.62 -0.92 -7.63
CA LYS B 131 -11.38 -0.48 -8.28
C LYS B 131 -10.22 -0.96 -7.42
N GLY B 132 -9.83 -2.20 -7.59
CA GLY B 132 -8.73 -2.77 -6.81
C GLY B 132 -8.02 -3.83 -7.59
N THR B 133 -7.15 -4.58 -6.93
CA THR B 133 -6.48 -5.74 -7.56
C THR B 133 -7.38 -6.96 -7.35
N TYR B 134 -7.61 -7.70 -8.41
CA TYR B 134 -8.48 -8.89 -8.44
C TYR B 134 -7.66 -10.17 -8.28
N PHE B 135 -8.21 -11.12 -7.55
CA PHE B 135 -7.61 -12.45 -7.34
C PHE B 135 -8.71 -13.50 -7.48
N ALA B 136 -8.41 -14.59 -8.18
CA ALA B 136 -9.43 -15.63 -8.48
C ALA B 136 -9.26 -16.82 -7.56
N VAL B 137 -10.36 -17.42 -7.16
CA VAL B 137 -10.33 -18.70 -6.42
C VAL B 137 -9.86 -19.80 -7.39
N ASP B 138 -10.37 -19.78 -8.61
CA ASP B 138 -10.15 -20.83 -9.62
C ASP B 138 -9.07 -20.38 -10.60
N ALA B 139 -8.10 -21.22 -10.86
CA ALA B 139 -7.06 -20.92 -11.86
C ALA B 139 -7.72 -20.72 -13.23
N SER B 140 -8.84 -21.38 -13.50
CA SER B 140 -9.50 -21.27 -14.82
C SER B 140 -9.88 -19.82 -15.11
N TYR B 141 -10.21 -19.04 -14.10
CA TYR B 141 -10.60 -17.64 -14.31
C TYR B 141 -9.37 -16.86 -14.75
N SER B 142 -8.30 -16.99 -13.99
CA SER B 142 -7.01 -16.31 -14.23
C SER B 142 -6.41 -16.79 -15.55
N ALA B 143 -6.75 -18.00 -15.98
CA ALA B 143 -6.17 -18.59 -17.22
C ALA B 143 -6.77 -17.95 -18.48
N LYS B 144 -7.85 -17.18 -18.34
CA LYS B 144 -8.44 -16.48 -19.52
C LYS B 144 -7.37 -15.59 -20.15
N ASP B 145 -7.35 -15.54 -21.48
CA ASP B 145 -6.35 -14.76 -22.22
C ASP B 145 -6.49 -13.30 -21.83
N THR B 146 -7.68 -12.86 -21.41
CA THR B 146 -7.91 -11.45 -20.99
CA THR B 146 -7.90 -11.45 -21.00
C THR B 146 -7.00 -11.07 -19.81
N TYR B 147 -6.60 -12.05 -18.98
CA TYR B 147 -5.75 -11.80 -17.79
C TYR B 147 -4.33 -12.26 -18.10
N SER B 148 -4.16 -13.57 -18.22
CA SER B 148 -2.84 -14.19 -18.52
C SER B 148 -2.61 -14.14 -20.03
N LYS B 149 -2.43 -12.93 -20.56
CA LYS B 149 -2.28 -12.68 -22.00
C LYS B 149 -1.14 -13.53 -22.50
N PRO B 150 -1.33 -14.42 -23.49
CA PRO B 150 -0.20 -15.13 -24.07
C PRO B 150 0.84 -14.14 -24.63
N ASP B 151 2.10 -14.35 -24.29
CA ASP B 151 3.20 -13.56 -24.86
C ASP B 151 3.50 -14.04 -26.29
N SER B 152 4.47 -13.41 -26.91
CA SER B 152 4.82 -13.66 -28.33
C SER B 152 5.32 -15.10 -28.52
N ASN B 153 5.66 -15.81 -27.44
CA ASN B 153 6.05 -17.25 -27.49
C ASN B 153 4.93 -18.16 -26.96
N GLY B 154 3.72 -17.62 -26.80
CA GLY B 154 2.53 -18.38 -26.33
C GLY B 154 2.62 -18.76 -24.85
N ARG B 155 3.49 -18.11 -24.10
CA ARG B 155 3.56 -18.37 -22.63
C ARG B 155 2.54 -17.48 -21.92
N LYS B 156 1.78 -18.11 -21.04
CA LYS B 156 0.84 -17.43 -20.14
C LYS B 156 1.42 -17.46 -18.73
N HIS B 157 1.07 -16.43 -17.95
CA HIS B 157 1.68 -16.16 -16.64
C HIS B 157 0.59 -16.03 -15.62
N MET B 158 0.68 -16.82 -14.57
CA MET B 158 -0.30 -16.74 -13.45
C MET B 158 0.47 -16.79 -12.13
N TYR B 159 0.19 -15.85 -11.23
CA TYR B 159 0.70 -15.88 -9.86
C TYR B 159 -0.23 -16.72 -9.00
N VAL B 160 0.39 -17.36 -8.02
CA VAL B 160 -0.29 -17.95 -6.85
C VAL B 160 0.05 -17.03 -5.68
N VAL B 161 -0.98 -16.50 -5.01
CA VAL B 161 -0.84 -15.28 -4.18
C VAL B 161 -1.44 -15.56 -2.80
N ARG B 162 -0.69 -15.23 -1.75
CA ARG B 162 -1.27 -15.18 -0.41
C ARG B 162 -1.98 -13.84 -0.32
N VAL B 163 -3.29 -13.89 -0.09
CA VAL B 163 -4.13 -12.68 -0.06
C VAL B 163 -4.80 -12.59 1.31
N LEU B 164 -4.68 -11.42 1.92
CA LEU B 164 -5.37 -11.15 3.19
C LEU B 164 -6.80 -10.74 2.90
N THR B 165 -7.65 -11.72 2.66
CA THR B 165 -9.09 -11.47 2.35
C THR B 165 -9.81 -11.06 3.63
N GLY B 166 -9.35 -11.53 4.78
CA GLY B 166 -9.98 -11.18 6.06
C GLY B 166 -11.49 -11.36 6.06
N VAL B 167 -12.16 -10.36 6.60
CA VAL B 167 -13.65 -10.31 6.64
C VAL B 167 -14.10 -9.51 5.42
N PHE B 168 -14.98 -10.10 4.64
CA PHE B 168 -15.33 -9.55 3.31
C PHE B 168 -16.84 -9.45 3.16
N THR B 169 -17.21 -8.68 2.17
CA THR B 169 -18.61 -8.46 1.80
C THR B 169 -18.70 -8.40 0.28
N LYS B 170 -19.92 -8.41 -0.26
CA LYS B 170 -20.08 -8.27 -1.71
C LYS B 170 -19.64 -6.87 -2.12
N GLY B 171 -18.77 -6.78 -3.11
CA GLY B 171 -18.28 -5.49 -3.60
C GLY B 171 -19.29 -4.78 -4.49
N ARG B 172 -18.88 -3.60 -4.94
CA ARG B 172 -19.66 -2.70 -5.81
C ARG B 172 -18.66 -1.96 -6.67
N ALA B 173 -19.01 -1.71 -7.92
CA ALA B 173 -18.09 -1.12 -8.89
C ALA B 173 -17.52 0.22 -8.44
N GLY B 174 -18.25 1.01 -7.66
CA GLY B 174 -17.73 2.36 -7.29
C GLY B 174 -16.62 2.34 -6.23
N LEU B 175 -16.36 1.19 -5.61
CA LEU B 175 -15.46 1.18 -4.43
C LEU B 175 -14.04 1.57 -4.82
N VAL B 176 -13.39 2.44 -4.05
CA VAL B 176 -11.90 2.61 -4.16
C VAL B 176 -11.21 2.08 -2.90
N THR B 177 -11.97 1.73 -1.87
CA THR B 177 -11.53 1.02 -0.63
C THR B 177 -12.64 0.03 -0.28
N PRO B 178 -12.44 -0.99 0.57
CA PRO B 178 -13.57 -1.78 1.00
C PRO B 178 -14.54 -0.88 1.74
N PRO B 179 -15.81 -1.28 1.74
CA PRO B 179 -16.85 -0.51 2.41
C PRO B 179 -16.68 -0.67 3.90
N PRO B 180 -17.27 0.26 4.67
CA PRO B 180 -17.36 0.13 6.11
C PRO B 180 -18.31 -1.02 6.46
N LYS B 181 -18.00 -1.67 7.58
CA LYS B 181 -18.87 -2.70 8.19
CA LYS B 181 -18.89 -2.71 8.16
C LYS B 181 -20.18 -2.05 8.65
N ASN B 182 -20.07 -0.81 9.10
CA ASN B 182 -21.15 -0.06 9.77
C ASN B 182 -21.15 1.35 9.21
N PRO B 183 -22.25 1.82 8.59
CA PRO B 183 -22.24 3.13 7.96
C PRO B 183 -22.02 4.29 8.95
N HIS B 184 -22.28 4.06 10.24
CA HIS B 184 -22.11 5.10 11.27
C HIS B 184 -20.68 5.11 11.79
N ASN B 185 -19.83 4.22 11.30
CA ASN B 185 -18.38 4.18 11.63
C ASN B 185 -17.61 3.94 10.35
N PRO B 186 -17.54 4.98 9.49
CA PRO B 186 -17.08 4.79 8.12
C PRO B 186 -15.63 4.35 7.99
N THR B 187 -14.81 4.48 9.03
CA THR B 187 -13.39 4.11 8.93
C THR B 187 -13.11 2.66 9.35
N ASP B 188 -14.10 1.93 9.86
CA ASP B 188 -13.90 0.52 10.30
C ASP B 188 -14.30 -0.39 9.15
N LEU B 189 -13.31 -0.81 8.36
CA LEU B 189 -13.57 -1.33 7.00
C LEU B 189 -13.59 -2.86 6.99
N PHE B 190 -14.35 -3.40 6.05
CA PHE B 190 -14.10 -4.78 5.59
C PHE B 190 -12.67 -4.84 5.05
N ASP B 191 -12.08 -6.02 5.11
CA ASP B 191 -10.68 -6.21 4.65
C ASP B 191 -10.61 -6.34 3.12
N SER B 192 -11.66 -6.88 2.53
CA SER B 192 -11.73 -7.11 1.07
C SER B 192 -13.18 -7.20 0.64
N VAL B 193 -13.41 -7.30 -0.66
CA VAL B 193 -14.76 -7.62 -1.16
C VAL B 193 -14.68 -8.79 -2.13
N THR B 194 -15.84 -9.32 -2.40
CA THR B 194 -15.99 -10.51 -3.27
C THR B 194 -17.16 -10.29 -4.21
N ASN B 195 -17.33 -11.20 -5.15
CA ASN B 195 -18.49 -11.22 -6.08
C ASN B 195 -19.73 -11.79 -5.38
N ASN B 196 -19.55 -12.68 -4.40
CA ASN B 196 -20.65 -13.46 -3.79
C ASN B 196 -20.15 -14.02 -2.46
N THR B 197 -20.70 -13.61 -1.33
CA THR B 197 -20.17 -14.00 -0.01
C THR B 197 -20.44 -15.49 0.25
N ARG B 198 -21.51 -16.04 -0.29
CA ARG B 198 -21.88 -17.46 -0.04
C ARG B 198 -21.02 -18.37 -0.91
N SER B 199 -20.63 -17.92 -2.10
CA SER B 199 -19.83 -18.74 -3.05
CA SER B 199 -19.79 -18.75 -3.00
C SER B 199 -18.77 -17.86 -3.70
N PRO B 200 -17.76 -17.39 -2.94
CA PRO B 200 -16.80 -16.44 -3.49
C PRO B 200 -15.95 -17.11 -4.59
N LYS B 201 -15.79 -16.40 -5.70
CA LYS B 201 -14.91 -16.84 -6.79
C LYS B 201 -13.85 -15.79 -7.12
N LEU B 202 -14.03 -14.54 -6.68
CA LEU B 202 -13.00 -13.51 -6.81
C LEU B 202 -12.98 -12.63 -5.57
N PHE B 203 -11.81 -12.08 -5.31
CA PHE B 203 -11.59 -11.14 -4.20
C PHE B 203 -10.87 -9.93 -4.75
N VAL B 204 -11.25 -8.78 -4.25
CA VAL B 204 -10.63 -7.49 -4.61
C VAL B 204 -9.99 -6.92 -3.36
N VAL B 205 -8.73 -6.51 -3.47
CA VAL B 205 -8.05 -5.82 -2.36
C VAL B 205 -7.61 -4.45 -2.85
N PHE B 206 -7.56 -3.53 -1.92
CA PHE B 206 -7.44 -2.10 -2.21
C PHE B 206 -6.23 -1.47 -1.56
N PHE B 207 -5.35 -2.27 -0.96
CA PHE B 207 -4.18 -1.73 -0.25
C PHE B 207 -2.92 -2.46 -0.66
N ASP B 208 -1.81 -1.73 -0.61
CA ASP B 208 -0.48 -2.29 -0.89
C ASP B 208 -0.16 -3.31 0.20
N ASN B 209 0.56 -4.34 -0.18
CA ASN B 209 1.12 -5.29 0.80
C ASN B 209 -0.01 -6.12 1.46
N GLN B 210 -1.17 -6.24 0.82
CA GLN B 210 -2.25 -7.13 1.28
C GLN B 210 -2.22 -8.45 0.51
N ALA B 211 -1.26 -8.60 -0.38
CA ALA B 211 -1.13 -9.76 -1.26
C ALA B 211 0.36 -9.99 -1.51
N TYR B 212 0.80 -11.20 -1.28
CA TYR B 212 2.21 -11.61 -1.50
C TYR B 212 2.25 -12.55 -2.70
N PRO B 213 2.92 -12.18 -3.80
CA PRO B 213 3.07 -13.08 -4.93
C PRO B 213 4.06 -14.19 -4.56
N GLU B 214 3.56 -15.40 -4.37
CA GLU B 214 4.36 -16.49 -3.80
C GLU B 214 4.94 -17.40 -4.89
N TYR B 215 4.19 -17.67 -5.95
CA TYR B 215 4.65 -18.54 -7.05
C TYR B 215 4.24 -17.87 -8.35
N LEU B 216 5.08 -18.03 -9.35
CA LEU B 216 4.76 -17.68 -10.74
C LEU B 216 4.70 -18.98 -11.55
N ILE B 217 3.52 -19.25 -12.10
CA ILE B 217 3.27 -20.39 -13.00
C ILE B 217 3.41 -19.87 -14.42
N THR B 218 4.35 -20.42 -15.16
CA THR B 218 4.43 -20.19 -16.61
C THR B 218 3.81 -21.40 -17.29
N PHE B 219 2.89 -21.19 -18.22
CA PHE B 219 2.14 -22.33 -18.79
C PHE B 219 1.79 -21.99 -20.23
N THR B 220 1.38 -23.03 -20.95
CA THR B 220 1.06 -22.91 -22.38
C THR B 220 -0.17 -23.76 -22.67
N ALA B 221 -0.81 -23.54 -23.81
CA ALA B 221 -1.78 -24.52 -24.35
C ALA B 221 -1.03 -25.77 -24.80
#